data_7A9J
#
_entry.id   7A9J
#
_cell.length_a   77.611
_cell.length_b   115.167
_cell.length_c   71.013
_cell.angle_alpha   90.000
_cell.angle_beta   90.000
_cell.angle_gamma   90.000
#
_symmetry.space_group_name_H-M   'P 21 21 2'
#
loop_
_entity.id
_entity.type
_entity.pdbx_description
1 polymer Cfl
2 non-polymer '6-ethyl-1-oxidanylidene-indene-4-carboxylic acid'
3 non-polymer 'PHOSPHATE ION'
4 water water
#
_entity_poly.entity_id   1
_entity_poly.type   'polypeptide(L)'
_entity_poly.pdbx_seq_one_letter_code
;MGSSHHHHHHSSGLVPRGSHMMNTFSSFRKHALLHSKETAVKSINHNISFYNLLLLIQRIATGLKSANIKKGDRISIHMG
NCFELIATYYACLKIGAVFVPLSLKLSAKEVKNLIQHSSSCAYIGDKKRFYETKQEIESCTMLEKIWVIDLKIEDKENNT
HNWEEIISQPYDYSEDNIYTDEIASIFYTSGTTGHPKGIVYSQKTLIDAVNLTKVTINPRLPKSDGDKPAILSLVDLISP
WSILITFAALQKGYSVLLLSEVDIENITETLKETQPAWIAGTPSNFHKIIKNEENNNNSLDLSETVCVAGGDSCATELSQ
KFFECFGSHLQSSYGQTELGGPVIYHHDIYAINEPSIGWPLPGVEIKINNTQSSNGELLIRSPAKTIGIWNGHDIELFPS
DRWLATGDLVRQENNGNLIFLGREKDQIKIEGYPVYPIEIENTLIQHADIAASVVFSVPDKYAGERIIALIQPQKNHSLK
AETIASYLSDNLAHYKHPSEYIFIKEIPVNTTGKISRRKLSNEYHLLKSQAEKVFTL
;
_entity_poly.pdbx_strand_id   A
#
loop_
_chem_comp.id
_chem_comp.type
_chem_comp.name
_chem_comp.formula
PO4 non-polymer 'PHOSPHATE ION' 'O4 P -3'
R4Z non-polymer '6-ethyl-1-oxidanylidene-indene-4-carboxylic acid' 'C12 H10 O3'
#
# COMPACT_ATOMS: atom_id res chain seq x y z
N MET A 22 -2.18 -21.38 -15.05
CA MET A 22 -1.77 -20.17 -15.76
C MET A 22 -0.97 -19.25 -14.85
N ASN A 23 0.30 -19.07 -15.17
CA ASN A 23 1.09 -18.18 -14.34
C ASN A 23 0.89 -16.72 -14.76
N THR A 24 1.53 -15.79 -14.03
CA THR A 24 1.23 -14.36 -14.23
C THR A 24 1.59 -13.92 -15.67
N PHE A 25 2.78 -14.27 -16.15
CA PHE A 25 3.08 -13.88 -17.52
C PHE A 25 2.10 -14.49 -18.52
N SER A 26 1.82 -15.79 -18.38
CA SER A 26 1.02 -16.40 -19.43
C SER A 26 -0.41 -15.87 -19.39
N SER A 27 -0.88 -15.45 -18.20
N SER A 27 -0.87 -15.46 -18.20
CA SER A 27 -2.19 -14.80 -18.13
CA SER A 27 -2.17 -14.82 -18.09
C SER A 27 -2.18 -13.47 -18.84
C SER A 27 -2.18 -13.47 -18.81
N PHE A 28 -1.11 -12.69 -18.66
CA PHE A 28 -0.99 -11.45 -19.39
C PHE A 28 -0.98 -11.71 -20.89
N ARG A 29 -0.15 -12.66 -21.33
CA ARG A 29 0.06 -12.95 -22.75
C ARG A 29 -1.26 -13.31 -23.40
N LYS A 30 -1.98 -14.22 -22.77
CA LYS A 30 -3.25 -14.68 -23.30
C LYS A 30 -4.17 -13.49 -23.53
N HIS A 31 -4.27 -12.63 -22.52
CA HIS A 31 -5.11 -11.45 -22.71
C HIS A 31 -4.57 -10.51 -23.78
N ALA A 32 -3.27 -10.26 -23.80
CA ALA A 32 -2.76 -9.38 -24.82
C ALA A 32 -3.07 -9.93 -26.22
N LEU A 33 -3.00 -11.24 -26.39
CA LEU A 33 -3.15 -11.75 -27.76
C LEU A 33 -4.59 -11.74 -28.23
N LEU A 34 -5.52 -11.61 -27.30
CA LEU A 34 -6.94 -11.61 -27.61
C LEU A 34 -7.52 -10.20 -27.56
N HIS A 35 -6.74 -9.22 -27.10
CA HIS A 35 -7.21 -7.83 -26.96
C HIS A 35 -6.11 -6.90 -27.40
N SER A 36 -5.50 -7.25 -28.52
CA SER A 36 -4.22 -6.69 -28.93
C SER A 36 -4.24 -5.18 -29.01
N LYS A 37 -5.32 -4.59 -29.55
CA LYS A 37 -5.30 -3.19 -29.93
C LYS A 37 -5.60 -2.27 -28.77
N GLU A 38 -6.08 -2.83 -27.67
CA GLU A 38 -6.52 -1.97 -26.58
C GLU A 38 -5.33 -1.46 -25.78
N THR A 39 -5.48 -0.26 -25.23
CA THR A 39 -4.42 0.36 -24.46
C THR A 39 -4.18 -0.44 -23.19
N ALA A 40 -2.93 -0.84 -22.97
CA ALA A 40 -2.57 -1.50 -21.71
C ALA A 40 -2.07 -0.50 -20.66
N VAL A 41 -1.21 0.44 -21.03
CA VAL A 41 -0.57 1.38 -20.09
C VAL A 41 -0.59 2.75 -20.73
N LYS A 42 -0.84 3.76 -19.94
CA LYS A 42 -0.77 5.13 -20.43
C LYS A 42 -0.13 6.02 -19.38
N SER A 43 0.42 7.11 -19.87
CA SER A 43 0.95 8.16 -19.03
C SER A 43 0.30 9.42 -19.55
N ILE A 44 0.72 10.57 -19.06
CA ILE A 44 0.15 11.79 -19.59
C ILE A 44 0.51 11.95 -21.07
N ASN A 45 1.72 11.56 -21.46
CA ASN A 45 2.18 11.80 -22.83
C ASN A 45 2.39 10.57 -23.69
N HIS A 46 2.12 9.39 -23.19
CA HIS A 46 2.44 8.17 -23.90
C HIS A 46 1.37 7.12 -23.66
N ASN A 47 1.36 6.15 -24.55
CA ASN A 47 0.54 4.99 -24.32
C ASN A 47 1.14 3.80 -25.05
N ILE A 48 0.72 2.63 -24.63
CA ILE A 48 1.18 1.41 -25.28
C ILE A 48 0.03 0.42 -25.26
N SER A 49 -0.22 -0.22 -26.41
CA SER A 49 -1.26 -1.24 -26.47
C SER A 49 -0.82 -2.53 -25.77
N PHE A 50 -1.81 -3.39 -25.51
CA PHE A 50 -1.47 -4.73 -24.99
C PHE A 50 -0.49 -5.46 -25.93
N TYR A 51 -0.76 -5.42 -27.23
CA TYR A 51 0.08 -6.16 -28.16
C TYR A 51 1.49 -5.61 -28.14
N ASN A 52 1.61 -4.28 -28.21
CA ASN A 52 2.98 -3.70 -28.21
C ASN A 52 3.71 -3.88 -26.89
N LEU A 53 2.98 -3.88 -25.76
CA LEU A 53 3.62 -4.20 -24.50
C LEU A 53 4.13 -5.64 -24.50
N LEU A 54 3.33 -6.60 -25.01
CA LEU A 54 3.85 -7.96 -25.18
C LEU A 54 5.10 -8.00 -26.05
N LEU A 55 5.12 -7.25 -27.16
CA LEU A 55 6.31 -7.26 -28.01
C LEU A 55 7.51 -6.75 -27.25
N LEU A 56 7.34 -5.68 -26.45
CA LEU A 56 8.45 -5.13 -25.64
C LEU A 56 8.93 -6.15 -24.60
N ILE A 57 7.99 -6.81 -23.94
CA ILE A 57 8.32 -7.85 -22.96
C ILE A 57 9.15 -8.94 -23.61
N GLN A 58 8.73 -9.36 -24.81
CA GLN A 58 9.47 -10.39 -25.51
C GLN A 58 10.89 -9.95 -25.85
N ARG A 59 11.07 -8.69 -26.34
CA ARG A 59 12.41 -8.20 -26.66
C ARG A 59 13.29 -8.16 -25.40
N ILE A 60 12.73 -7.73 -24.27
CA ILE A 60 13.50 -7.67 -23.03
C ILE A 60 13.92 -9.08 -22.63
N ALA A 61 12.99 -10.03 -22.68
CA ALA A 61 13.32 -11.42 -22.40
C ALA A 61 14.46 -11.93 -23.29
N THR A 62 14.43 -11.59 -24.59
CA THR A 62 15.52 -12.06 -25.42
C THR A 62 16.83 -11.39 -25.05
N GLY A 63 16.80 -10.10 -24.72
CA GLY A 63 18.02 -9.40 -24.33
C GLY A 63 18.63 -9.98 -23.06
N LEU A 64 17.79 -10.27 -22.07
CA LEU A 64 18.23 -10.89 -20.83
C LEU A 64 18.89 -12.22 -21.11
N LYS A 65 18.22 -13.07 -21.89
CA LYS A 65 18.80 -14.37 -22.15
C LYS A 65 20.06 -14.25 -23.00
N SER A 66 20.07 -13.30 -23.94
CA SER A 66 21.28 -13.12 -24.75
C SER A 66 22.46 -12.65 -23.92
N ALA A 67 22.19 -11.95 -22.82
CA ALA A 67 23.19 -11.52 -21.87
C ALA A 67 23.45 -12.55 -20.79
N ASN A 68 23.01 -13.79 -20.99
CA ASN A 68 23.34 -14.92 -20.14
C ASN A 68 22.59 -14.90 -18.81
N ILE A 69 21.50 -14.13 -18.73
CA ILE A 69 20.57 -14.25 -17.61
C ILE A 69 19.74 -15.52 -17.81
N LYS A 70 19.60 -16.30 -16.74
CA LYS A 70 19.00 -17.62 -16.78
C LYS A 70 17.90 -17.68 -15.75
N LYS A 71 16.99 -18.64 -15.91
CA LYS A 71 16.00 -18.94 -14.87
C LYS A 71 16.70 -19.08 -13.51
N GLY A 72 16.18 -18.39 -12.49
CA GLY A 72 16.74 -18.43 -11.15
C GLY A 72 17.74 -17.33 -10.81
N ASP A 73 18.31 -16.66 -11.82
CA ASP A 73 19.14 -15.49 -11.56
C ASP A 73 18.30 -14.36 -10.97
N ARG A 74 18.91 -13.56 -10.11
CA ARG A 74 18.20 -12.49 -9.41
C ARG A 74 18.57 -11.15 -10.04
N ILE A 75 17.56 -10.36 -10.36
CA ILE A 75 17.73 -9.07 -10.98
C ILE A 75 17.17 -7.99 -10.06
N SER A 76 18.03 -7.07 -9.62
CA SER A 76 17.56 -5.91 -8.85
C SER A 76 16.98 -4.87 -9.81
N ILE A 77 15.82 -4.31 -9.47
CA ILE A 77 15.12 -3.38 -10.34
C ILE A 77 14.93 -2.10 -9.56
N HIS A 78 15.24 -0.99 -10.19
CA HIS A 78 15.39 0.22 -9.38
C HIS A 78 15.00 1.40 -10.30
N MET A 79 13.69 1.66 -10.41
CA MET A 79 13.25 2.70 -11.33
C MET A 79 11.87 3.25 -10.96
N GLY A 80 11.65 4.49 -11.40
CA GLY A 80 10.37 5.17 -11.21
C GLY A 80 9.33 4.64 -12.18
N ASN A 81 8.11 5.19 -12.10
CA ASN A 81 7.01 4.60 -12.87
C ASN A 81 7.23 4.83 -14.38
N CYS A 82 7.34 3.76 -15.12
CA CYS A 82 7.45 3.88 -16.59
C CYS A 82 6.99 2.58 -17.21
N PHE A 83 6.80 2.60 -18.56
CA PHE A 83 6.32 1.38 -19.18
C PHE A 83 7.39 0.28 -19.12
N GLU A 84 8.67 0.70 -19.12
CA GLU A 84 9.75 -0.27 -19.05
C GLU A 84 9.72 -1.05 -17.75
N LEU A 85 9.21 -0.45 -16.65
CA LEU A 85 9.20 -1.16 -15.38
C LEU A 85 8.23 -2.33 -15.45
N ILE A 86 7.01 -2.10 -15.92
N ILE A 86 7.00 -2.08 -15.89
CA ILE A 86 6.07 -3.22 -15.96
CA ILE A 86 6.01 -3.14 -16.07
C ILE A 86 6.48 -4.23 -17.03
C ILE A 86 6.56 -4.21 -16.99
N ALA A 87 7.08 -3.78 -18.14
CA ALA A 87 7.56 -4.73 -19.12
C ALA A 87 8.67 -5.61 -18.53
N THR A 88 9.55 -5.01 -17.71
CA THR A 88 10.66 -5.76 -17.14
C THR A 88 10.15 -6.78 -16.14
N TYR A 89 9.16 -6.41 -15.29
CA TYR A 89 8.57 -7.43 -14.43
C TYR A 89 8.08 -8.63 -15.24
N TYR A 90 7.34 -8.38 -16.33
CA TYR A 90 6.82 -9.50 -17.09
C TYR A 90 7.93 -10.27 -17.81
N ALA A 91 8.96 -9.57 -18.27
CA ALA A 91 10.06 -10.30 -18.90
C ALA A 91 10.77 -11.24 -17.91
N CYS A 92 10.97 -10.79 -16.64
CA CYS A 92 11.56 -11.62 -15.63
C CYS A 92 10.69 -12.84 -15.39
N LEU A 93 9.39 -12.61 -15.26
CA LEU A 93 8.43 -13.70 -15.08
C LEU A 93 8.47 -14.69 -16.24
N LYS A 94 8.51 -14.16 -17.48
CA LYS A 94 8.51 -15.01 -18.66
C LYS A 94 9.68 -15.98 -18.63
N ILE A 95 10.87 -15.53 -18.22
CA ILE A 95 12.03 -16.38 -18.28
C ILE A 95 12.38 -16.99 -16.95
N GLY A 96 11.62 -16.66 -15.88
CA GLY A 96 11.91 -17.21 -14.58
C GLY A 96 13.05 -16.53 -13.88
N ALA A 97 13.41 -15.32 -14.30
CA ALA A 97 14.36 -14.54 -13.52
C ALA A 97 13.63 -13.92 -12.33
N VAL A 98 14.30 -13.97 -11.19
CA VAL A 98 13.72 -13.50 -9.93
C VAL A 98 13.90 -11.99 -9.85
N PHE A 99 12.80 -11.24 -9.77
CA PHE A 99 13.00 -9.80 -9.69
C PHE A 99 12.96 -9.31 -8.25
N VAL A 100 13.78 -8.30 -7.99
CA VAL A 100 14.02 -7.79 -6.62
C VAL A 100 13.82 -6.28 -6.69
N PRO A 101 12.61 -5.79 -6.47
CA PRO A 101 12.36 -4.35 -6.57
C PRO A 101 13.03 -3.60 -5.42
N LEU A 102 13.72 -2.52 -5.77
CA LEU A 102 14.43 -1.67 -4.80
C LEU A 102 13.68 -0.37 -4.64
N SER A 103 13.11 -0.18 -3.44
CA SER A 103 12.22 0.93 -3.19
C SER A 103 12.94 2.26 -3.42
N LEU A 104 12.22 3.24 -3.96
CA LEU A 104 12.82 4.54 -4.21
C LEU A 104 13.10 5.31 -2.93
N LYS A 105 12.59 4.84 -1.78
CA LYS A 105 12.88 5.48 -0.51
C LYS A 105 14.22 5.07 0.06
N LEU A 106 14.86 4.02 -0.49
CA LEU A 106 16.15 3.57 -0.01
C LEU A 106 17.28 4.54 -0.32
N SER A 107 18.13 4.78 0.68
CA SER A 107 19.39 5.47 0.46
C SER A 107 20.33 4.62 -0.42
N ALA A 108 21.39 5.26 -0.93
CA ALA A 108 22.39 4.55 -1.73
C ALA A 108 23.03 3.39 -0.97
N LYS A 109 23.33 3.59 0.32
CA LYS A 109 23.93 2.49 1.08
C LYS A 109 22.92 1.36 1.26
N GLU A 110 21.64 1.72 1.39
CA GLU A 110 20.62 0.71 1.58
C GLU A 110 20.38 -0.07 0.29
N VAL A 111 20.40 0.63 -0.83
CA VAL A 111 20.27 -0.02 -2.12
C VAL A 111 21.41 -1.01 -2.33
N LYS A 112 22.65 -0.58 -2.04
CA LYS A 112 23.78 -1.49 -2.14
C LYS A 112 23.60 -2.71 -1.23
N ASN A 113 23.15 -2.48 0.01
CA ASN A 113 22.93 -3.61 0.91
C ASN A 113 21.95 -4.63 0.33
N LEU A 114 20.83 -4.17 -0.26
CA LEU A 114 19.88 -5.12 -0.85
C LEU A 114 20.43 -5.80 -2.08
N ILE A 115 21.16 -5.08 -2.94
CA ILE A 115 21.73 -5.75 -4.10
C ILE A 115 22.63 -6.88 -3.65
N GLN A 116 23.44 -6.62 -2.62
CA GLN A 116 24.37 -7.61 -2.12
C GLN A 116 23.64 -8.72 -1.38
N HIS A 117 22.73 -8.35 -0.47
CA HIS A 117 22.01 -9.35 0.32
C HIS A 117 21.21 -10.29 -0.57
N SER A 118 20.53 -9.75 -1.58
CA SER A 118 19.71 -10.55 -2.49
C SER A 118 20.56 -11.43 -3.40
N SER A 119 21.89 -11.26 -3.45
CA SER A 119 22.75 -12.00 -4.38
C SER A 119 22.31 -11.76 -5.81
N SER A 120 21.94 -10.52 -6.12
CA SER A 120 21.57 -10.21 -7.49
C SER A 120 22.78 -10.33 -8.40
N CYS A 121 22.57 -10.87 -9.60
N CYS A 121 22.54 -10.89 -9.60
CA CYS A 121 23.64 -10.82 -10.59
CA CYS A 121 23.54 -10.95 -10.65
C CYS A 121 23.35 -9.83 -11.73
C CYS A 121 23.35 -9.87 -11.72
N ALA A 122 22.23 -9.14 -11.70
CA ALA A 122 22.01 -8.08 -12.67
C ALA A 122 21.21 -6.96 -12.02
N TYR A 123 21.31 -5.76 -12.60
CA TYR A 123 20.56 -4.59 -12.14
C TYR A 123 19.94 -3.90 -13.36
N ILE A 124 18.65 -3.50 -13.24
CA ILE A 124 17.99 -2.66 -14.25
C ILE A 124 17.43 -1.43 -13.54
N GLY A 125 17.83 -0.26 -14.00
CA GLY A 125 17.41 0.97 -13.36
C GLY A 125 17.19 2.06 -14.39
N ASP A 126 16.64 3.18 -13.92
CA ASP A 126 16.51 4.35 -14.79
C ASP A 126 17.54 5.39 -14.44
N LYS A 127 17.59 6.42 -15.28
CA LYS A 127 18.67 7.37 -15.19
C LYS A 127 18.75 7.99 -13.80
N LYS A 128 17.62 8.51 -13.31
CA LYS A 128 17.62 9.23 -12.04
C LYS A 128 18.12 8.34 -10.89
N ARG A 129 17.61 7.11 -10.83
CA ARG A 129 17.95 6.20 -9.72
C ARG A 129 19.40 5.73 -9.81
N PHE A 130 19.84 5.36 -11.00
CA PHE A 130 21.23 4.94 -11.18
C PHE A 130 22.21 6.02 -10.80
N TYR A 131 22.03 7.26 -11.28
CA TYR A 131 23.10 8.21 -11.11
C TYR A 131 23.17 8.70 -9.66
N GLU A 132 22.08 8.51 -8.92
CA GLU A 132 22.11 8.80 -7.48
C GLU A 132 22.87 7.74 -6.69
N THR A 133 23.11 6.59 -7.32
CA THR A 133 23.58 5.37 -6.67
C THR A 133 24.74 4.74 -7.41
N LYS A 134 25.39 5.49 -8.30
CA LYS A 134 26.22 4.87 -9.33
C LYS A 134 27.41 4.12 -8.72
N GLN A 135 28.13 4.78 -7.83
CA GLN A 135 29.34 4.17 -7.29
C GLN A 135 28.99 2.91 -6.50
N GLU A 136 27.90 2.97 -5.75
CA GLU A 136 27.46 1.80 -4.97
C GLU A 136 27.07 0.65 -5.90
N ILE A 137 26.24 0.93 -6.91
CA ILE A 137 25.80 -0.15 -7.78
C ILE A 137 27.01 -0.77 -8.49
N GLU A 138 27.89 0.07 -9.01
CA GLU A 138 29.00 -0.44 -9.80
C GLU A 138 30.07 -1.11 -8.96
N SER A 139 30.01 -0.97 -7.63
CA SER A 139 30.96 -1.67 -6.78
C SER A 139 30.42 -3.01 -6.28
N CYS A 140 29.24 -3.44 -6.74
CA CYS A 140 28.65 -4.74 -6.40
C CYS A 140 29.21 -5.78 -7.36
N THR A 141 30.21 -6.53 -6.92
CA THR A 141 30.98 -7.27 -7.92
C THR A 141 30.25 -8.49 -8.44
N MET A 142 29.15 -8.87 -7.79
CA MET A 142 28.31 -9.94 -8.30
C MET A 142 27.46 -9.49 -9.49
N LEU A 143 27.32 -8.19 -9.75
CA LEU A 143 26.52 -7.70 -10.89
C LEU A 143 27.27 -7.94 -12.19
N GLU A 144 26.79 -8.90 -12.99
CA GLU A 144 27.41 -9.14 -14.30
C GLU A 144 26.88 -8.21 -15.39
N LYS A 145 25.65 -7.72 -15.26
CA LYS A 145 25.02 -6.77 -16.16
C LYS A 145 24.30 -5.71 -15.36
N ILE A 146 24.51 -4.47 -15.75
CA ILE A 146 23.83 -3.30 -15.22
C ILE A 146 23.27 -2.57 -16.44
N TRP A 147 21.94 -2.51 -16.58
CA TRP A 147 21.31 -1.76 -17.65
C TRP A 147 20.61 -0.52 -17.09
N VAL A 148 20.76 0.60 -17.76
CA VAL A 148 20.29 1.91 -17.26
C VAL A 148 19.56 2.60 -18.42
N ILE A 149 18.31 2.97 -18.19
CA ILE A 149 17.59 3.78 -19.17
C ILE A 149 18.21 5.16 -19.21
N ASP A 150 18.57 5.61 -20.42
CA ASP A 150 19.20 6.90 -20.64
C ASP A 150 20.57 7.01 -19.97
N LEU A 151 21.28 5.87 -19.87
CA LEU A 151 22.72 5.90 -19.54
C LEU A 151 23.46 6.94 -20.37
N LYS A 152 24.31 7.75 -19.71
CA LYS A 152 25.19 8.65 -20.47
C LYS A 152 26.24 7.83 -21.20
N ILE A 153 26.52 8.22 -22.44
CA ILE A 153 27.37 7.33 -23.23
C ILE A 153 28.77 7.18 -22.64
N GLU A 154 29.31 8.20 -22.00
CA GLU A 154 30.64 8.02 -21.40
C GLU A 154 30.66 6.97 -20.28
N ASP A 155 29.51 6.48 -19.83
CA ASP A 155 29.40 5.47 -18.78
C ASP A 155 29.07 4.08 -19.32
N LYS A 156 28.98 3.90 -20.62
CA LYS A 156 28.87 2.53 -21.16
C LYS A 156 30.25 1.89 -21.16
N GLU A 157 30.53 1.06 -20.15
CA GLU A 157 31.84 0.44 -20.05
C GLU A 157 31.71 -0.68 -19.05
N ASN A 158 32.67 -1.61 -19.05
CA ASN A 158 32.73 -2.68 -18.05
C ASN A 158 31.42 -3.46 -18.13
N ASN A 159 30.63 -3.51 -17.06
CA ASN A 159 29.37 -4.23 -17.09
C ASN A 159 28.17 -3.30 -17.15
N THR A 160 28.38 -2.01 -17.40
CA THR A 160 27.26 -1.07 -17.45
C THR A 160 26.86 -0.80 -18.89
N HIS A 161 25.57 -1.00 -19.18
CA HIS A 161 25.01 -0.99 -20.52
C HIS A 161 23.82 -0.04 -20.59
N ASN A 162 23.58 0.48 -21.78
CA ASN A 162 22.36 1.25 -21.99
C ASN A 162 21.18 0.30 -22.12
N TRP A 163 20.02 0.73 -21.61
CA TRP A 163 18.78 -0.04 -21.71
C TRP A 163 18.49 -0.46 -23.15
N GLU A 164 18.74 0.44 -24.10
CA GLU A 164 18.45 0.10 -25.51
C GLU A 164 19.11 -1.20 -25.94
N GLU A 165 20.23 -1.56 -25.29
CA GLU A 165 20.90 -2.79 -25.68
C GLU A 165 20.06 -4.01 -25.38
N ILE A 166 19.26 -3.97 -24.31
CA ILE A 166 18.49 -5.14 -23.92
C ILE A 166 17.30 -5.37 -24.84
N ILE A 167 16.88 -4.36 -25.60
CA ILE A 167 15.77 -4.57 -26.56
C ILE A 167 16.21 -4.47 -28.02
N SER A 168 17.51 -4.48 -28.30
CA SER A 168 17.95 -4.26 -29.67
C SER A 168 17.73 -5.49 -30.54
N GLN A 169 17.64 -6.69 -29.96
CA GLN A 169 17.49 -7.84 -30.86
C GLN A 169 16.04 -8.29 -30.94
N PRO A 170 15.57 -8.72 -32.11
CA PRO A 170 14.18 -9.18 -32.19
C PRO A 170 14.01 -10.41 -31.30
N TYR A 171 12.76 -10.63 -30.91
CA TYR A 171 12.39 -11.82 -30.15
C TYR A 171 12.85 -13.07 -30.86
N ASP A 172 13.43 -14.00 -30.10
CA ASP A 172 14.06 -15.17 -30.72
C ASP A 172 13.20 -16.43 -30.62
N TYR A 173 11.99 -16.30 -30.09
CA TYR A 173 10.99 -17.37 -29.97
C TYR A 173 11.49 -18.56 -29.16
N SER A 174 12.52 -18.39 -28.34
CA SER A 174 13.02 -19.49 -27.54
C SER A 174 12.00 -19.86 -26.46
N GLU A 175 11.98 -21.13 -26.09
CA GLU A 175 11.04 -21.58 -25.09
C GLU A 175 11.53 -21.22 -23.70
N ASP A 176 10.59 -21.20 -22.77
CA ASP A 176 10.86 -21.09 -21.33
C ASP A 176 10.01 -22.13 -20.59
N ASN A 177 10.61 -22.82 -19.62
CA ASN A 177 9.86 -23.78 -18.82
C ASN A 177 9.75 -23.24 -17.40
N ILE A 178 8.59 -22.68 -17.10
CA ILE A 178 8.32 -22.00 -15.82
C ILE A 178 7.32 -22.85 -15.05
N TYR A 179 7.61 -23.15 -13.77
CA TYR A 179 6.76 -24.01 -12.95
C TYR A 179 6.28 -23.22 -11.75
N THR A 180 5.07 -23.51 -11.28
CA THR A 180 4.49 -22.57 -10.31
C THR A 180 5.19 -22.60 -8.96
N ASP A 181 5.91 -23.68 -8.63
CA ASP A 181 6.62 -23.67 -7.35
C ASP A 181 7.95 -22.88 -7.40
N GLU A 182 8.42 -22.46 -8.57
CA GLU A 182 9.71 -21.78 -8.63
C GLU A 182 9.63 -20.36 -8.09
N ILE A 183 10.79 -19.86 -7.62
CA ILE A 183 10.84 -18.48 -7.12
C ILE A 183 10.55 -17.52 -8.24
N ALA A 184 9.72 -16.54 -7.94
CA ALA A 184 9.44 -15.44 -8.84
C ALA A 184 10.05 -14.12 -8.43
N SER A 185 10.04 -13.79 -7.13
CA SER A 185 10.49 -12.46 -6.73
C SER A 185 10.84 -12.47 -5.24
N ILE A 186 11.58 -11.45 -4.83
CA ILE A 186 11.91 -11.26 -3.43
C ILE A 186 11.52 -9.84 -3.10
N PHE A 187 10.62 -9.67 -2.12
CA PHE A 187 10.09 -8.36 -1.77
C PHE A 187 10.60 -8.03 -0.37
N TYR A 188 11.52 -7.06 -0.28
CA TYR A 188 12.16 -6.75 0.99
C TYR A 188 11.25 -5.86 1.82
N THR A 189 11.06 -6.20 3.08
CA THR A 189 10.16 -5.40 3.94
C THR A 189 10.73 -4.02 4.25
N PRO A 196 14.65 -5.62 7.01
CA PRO A 196 15.71 -6.33 6.26
C PRO A 196 15.36 -7.78 5.94
N LYS A 197 14.07 -8.04 5.63
CA LYS A 197 13.60 -9.40 5.46
C LYS A 197 13.15 -9.54 4.01
N GLY A 198 13.81 -10.43 3.28
CA GLY A 198 13.44 -10.67 1.90
C GLY A 198 12.34 -11.70 1.82
N ILE A 199 11.12 -11.26 1.56
CA ILE A 199 9.99 -12.18 1.52
C ILE A 199 9.95 -12.80 0.13
N VAL A 200 9.99 -14.12 0.08
CA VAL A 200 10.16 -14.83 -1.19
C VAL A 200 8.78 -15.27 -1.66
N TYR A 201 8.46 -14.88 -2.88
CA TYR A 201 7.24 -15.28 -3.59
C TYR A 201 7.61 -16.29 -4.66
N SER A 202 6.84 -17.39 -4.74
CA SER A 202 6.90 -18.22 -5.94
C SER A 202 5.97 -17.68 -7.02
N GLN A 203 6.09 -18.27 -8.22
CA GLN A 203 5.08 -18.03 -9.25
C GLN A 203 3.67 -18.22 -8.69
N LYS A 204 3.46 -19.27 -7.90
CA LYS A 204 2.15 -19.50 -7.30
C LYS A 204 1.77 -18.41 -6.28
N THR A 205 2.70 -18.00 -5.39
CA THR A 205 2.37 -16.88 -4.51
C THR A 205 1.84 -15.69 -5.29
N LEU A 206 2.51 -15.39 -6.42
CA LEU A 206 2.11 -14.23 -7.17
C LEU A 206 0.74 -14.43 -7.82
N ILE A 207 0.50 -15.61 -8.41
CA ILE A 207 -0.82 -15.94 -8.94
C ILE A 207 -1.89 -15.69 -7.85
N ASP A 208 -1.67 -16.27 -6.68
CA ASP A 208 -2.68 -16.18 -5.61
C ASP A 208 -2.80 -14.75 -5.08
N ALA A 209 -1.67 -14.01 -5.02
CA ALA A 209 -1.73 -12.62 -4.58
C ALA A 209 -2.45 -11.74 -5.60
N VAL A 210 -2.21 -11.98 -6.90
CA VAL A 210 -2.92 -11.22 -7.91
C VAL A 210 -4.41 -11.55 -7.85
N ASN A 211 -4.74 -12.82 -7.62
CA ASN A 211 -6.15 -13.23 -7.51
C ASN A 211 -6.84 -12.55 -6.31
N LEU A 212 -6.13 -12.39 -5.19
CA LEU A 212 -6.67 -11.58 -4.09
C LEU A 212 -6.87 -10.14 -4.56
N THR A 213 -5.86 -9.58 -5.23
CA THR A 213 -5.93 -8.18 -5.59
C THR A 213 -7.06 -7.91 -6.60
N LYS A 214 -7.25 -8.83 -7.56
CA LYS A 214 -8.30 -8.67 -8.56
C LYS A 214 -9.66 -8.38 -7.93
N VAL A 215 -9.97 -9.04 -6.79
CA VAL A 215 -11.26 -8.87 -6.07
C VAL A 215 -11.42 -7.45 -5.54
N THR A 216 -10.31 -6.72 -5.35
CA THR A 216 -10.36 -5.37 -4.81
C THR A 216 -10.36 -4.29 -5.87
N ILE A 217 -10.35 -4.65 -7.16
CA ILE A 217 -10.32 -3.60 -8.18
C ILE A 217 -11.66 -3.64 -8.91
N ASN A 218 -12.54 -2.70 -8.56
CA ASN A 218 -13.94 -2.75 -8.98
C ASN A 218 -14.36 -1.36 -9.44
N PRO A 219 -13.88 -0.93 -10.62
CA PRO A 219 -14.36 0.33 -11.18
C PRO A 219 -15.85 0.23 -11.48
N ARG A 220 -16.49 1.38 -11.57
CA ARG A 220 -17.90 1.34 -11.95
C ARG A 220 -18.05 1.14 -13.45
N LEU A 221 -19.25 0.69 -13.83
CA LEU A 221 -19.60 0.61 -15.23
C LEU A 221 -19.55 2.01 -15.85
N PRO A 222 -18.79 2.21 -16.93
CA PRO A 222 -18.78 3.54 -17.56
C PRO A 222 -20.13 3.89 -18.15
N LYS A 223 -20.37 5.19 -18.31
CA LYS A 223 -21.63 5.63 -18.87
C LYS A 223 -21.58 5.76 -20.39
N SER A 224 -20.39 6.02 -20.96
CA SER A 224 -20.26 6.24 -22.42
C SER A 224 -20.06 4.95 -23.20
N LYS A 228 -12.09 -0.28 -21.05
CA LYS A 228 -12.13 1.19 -20.97
C LYS A 228 -11.70 1.79 -19.59
N PRO A 229 -12.03 1.18 -18.43
CA PRO A 229 -11.54 1.73 -17.15
C PRO A 229 -10.03 1.78 -17.11
N ALA A 230 -9.48 2.92 -16.71
CA ALA A 230 -8.07 3.06 -16.39
C ALA A 230 -7.89 3.03 -14.87
N ILE A 231 -6.88 2.31 -14.43
CA ILE A 231 -6.58 2.05 -13.02
C ILE A 231 -5.35 2.85 -12.69
N LEU A 232 -5.37 3.61 -11.58
CA LEU A 232 -4.23 4.38 -11.16
C LEU A 232 -3.83 3.91 -9.77
N SER A 233 -2.54 3.67 -9.58
CA SER A 233 -2.04 3.49 -8.21
C SER A 233 -1.07 4.60 -7.88
N LEU A 234 -1.35 5.35 -6.79
CA LEU A 234 -0.46 6.44 -6.42
C LEU A 234 0.79 5.92 -5.69
N VAL A 235 0.81 4.66 -5.30
CA VAL A 235 2.00 4.11 -4.67
C VAL A 235 2.98 3.73 -5.80
N ASP A 236 4.27 4.00 -5.62
CA ASP A 236 5.23 3.66 -6.68
C ASP A 236 5.08 2.25 -7.18
N LEU A 237 5.27 2.09 -8.52
CA LEU A 237 5.16 0.78 -9.13
C LEU A 237 6.28 -0.17 -8.70
N ILE A 238 7.33 0.36 -8.09
CA ILE A 238 8.37 -0.49 -7.51
C ILE A 238 7.91 -1.11 -6.19
N SER A 239 6.78 -0.68 -5.68
CA SER A 239 6.34 -1.18 -4.35
C SER A 239 5.36 -2.36 -4.52
N PRO A 240 5.45 -3.43 -3.75
CA PRO A 240 4.61 -4.63 -4.01
C PRO A 240 3.11 -4.43 -4.17
N TRP A 241 2.44 -3.58 -3.37
CA TRP A 241 1.01 -3.42 -3.62
C TRP A 241 0.72 -2.95 -5.07
N SER A 242 1.50 -2.00 -5.56
N SER A 242 1.51 -2.00 -5.55
CA SER A 242 1.26 -1.51 -6.93
CA SER A 242 1.31 -1.48 -6.90
C SER A 242 1.63 -2.54 -7.97
C SER A 242 1.66 -2.50 -7.96
N ILE A 243 2.64 -3.38 -7.70
CA ILE A 243 2.94 -4.46 -8.64
C ILE A 243 1.73 -5.36 -8.81
N LEU A 244 1.13 -5.75 -7.66
CA LEU A 244 -0.02 -6.61 -7.70
C LEU A 244 -1.20 -5.93 -8.36
N ILE A 245 -1.42 -4.66 -8.04
CA ILE A 245 -2.52 -3.91 -8.67
C ILE A 245 -2.33 -3.88 -10.17
N THR A 246 -1.10 -3.64 -10.59
CA THR A 246 -0.84 -3.53 -12.03
C THR A 246 -1.07 -4.88 -12.75
N PHE A 247 -0.54 -5.98 -12.21
CA PHE A 247 -0.79 -7.27 -12.81
C PHE A 247 -2.29 -7.57 -12.83
N ALA A 248 -2.97 -7.28 -11.72
CA ALA A 248 -4.39 -7.63 -11.63
C ALA A 248 -5.22 -6.81 -12.60
N ALA A 249 -4.92 -5.51 -12.72
CA ALA A 249 -5.68 -4.66 -13.63
C ALA A 249 -5.50 -5.13 -15.09
N LEU A 250 -4.25 -5.37 -15.48
CA LEU A 250 -3.98 -5.83 -16.85
C LEU A 250 -4.65 -7.17 -17.12
N GLN A 251 -4.62 -8.09 -16.15
CA GLN A 251 -5.31 -9.37 -16.31
C GLN A 251 -6.82 -9.24 -16.39
N LYS A 252 -7.39 -8.21 -15.80
CA LYS A 252 -8.82 -7.93 -16.01
C LYS A 252 -9.08 -7.13 -17.30
N GLY A 253 -8.05 -6.79 -18.05
CA GLY A 253 -8.18 -6.05 -19.29
C GLY A 253 -8.33 -4.55 -19.15
N TYR A 254 -8.07 -4.01 -17.95
CA TYR A 254 -8.09 -2.57 -17.76
C TYR A 254 -6.78 -1.96 -18.18
N SER A 255 -6.79 -0.66 -18.52
CA SER A 255 -5.52 0.00 -18.71
C SER A 255 -5.01 0.49 -17.37
N VAL A 256 -3.71 0.73 -17.30
CA VAL A 256 -3.07 1.23 -16.09
C VAL A 256 -2.49 2.60 -16.44
N LEU A 257 -2.79 3.57 -15.61
CA LEU A 257 -2.27 4.93 -15.73
C LEU A 257 -1.05 5.06 -14.84
N LEU A 258 0.09 5.43 -15.44
CA LEU A 258 1.31 5.67 -14.69
C LEU A 258 1.62 7.16 -14.58
N LEU A 259 1.86 7.62 -13.34
CA LEU A 259 2.22 9.00 -13.08
C LEU A 259 3.64 9.14 -12.54
N SER A 260 4.26 10.25 -12.88
CA SER A 260 5.57 10.64 -12.39
C SER A 260 5.42 11.35 -11.04
N GLU A 261 6.54 11.55 -10.36
CA GLU A 261 6.53 12.30 -9.10
C GLU A 261 5.93 13.70 -9.30
N VAL A 262 6.30 14.37 -10.38
CA VAL A 262 5.78 15.72 -10.63
C VAL A 262 4.29 15.65 -10.87
N ASP A 263 3.83 14.61 -11.58
CA ASP A 263 2.39 14.45 -11.82
C ASP A 263 1.66 14.36 -10.51
N ILE A 264 2.24 13.65 -9.54
CA ILE A 264 1.52 13.43 -8.28
C ILE A 264 1.61 14.64 -7.36
N GLU A 265 2.71 15.40 -7.42
CA GLU A 265 2.71 16.71 -6.79
C GLU A 265 1.60 17.59 -7.35
N ASN A 266 1.24 17.43 -8.62
CA ASN A 266 0.15 18.23 -9.16
C ASN A 266 -1.10 17.37 -9.32
N ILE A 267 -1.44 16.59 -8.28
CA ILE A 267 -2.37 15.48 -8.44
C ILE A 267 -3.75 15.97 -8.85
N THR A 268 -4.22 17.09 -8.28
CA THR A 268 -5.57 17.56 -8.63
C THR A 268 -5.67 17.86 -10.11
N GLU A 269 -4.72 18.61 -10.66
CA GLU A 269 -4.75 18.91 -12.09
C GLU A 269 -4.53 17.65 -12.92
N THR A 270 -3.63 16.78 -12.49
CA THR A 270 -3.42 15.52 -13.19
C THR A 270 -4.70 14.69 -13.26
N LEU A 271 -5.45 14.65 -12.16
CA LEU A 271 -6.66 13.83 -12.13
C LEU A 271 -7.75 14.43 -13.01
N LYS A 272 -7.86 15.77 -13.04
CA LYS A 272 -8.79 16.39 -13.99
C LYS A 272 -8.43 16.02 -15.42
N GLU A 273 -7.14 15.91 -15.71
CA GLU A 273 -6.79 15.64 -17.10
C GLU A 273 -6.95 14.17 -17.43
N THR A 274 -6.57 13.28 -16.51
CA THR A 274 -6.48 11.88 -16.87
C THR A 274 -7.71 11.08 -16.50
N GLN A 275 -8.51 11.55 -15.55
CA GLN A 275 -9.79 10.94 -15.18
C GLN A 275 -9.79 9.41 -15.06
N PRO A 276 -8.94 8.87 -14.19
CA PRO A 276 -8.95 7.42 -13.99
C PRO A 276 -10.28 6.97 -13.36
N ALA A 277 -10.61 5.70 -13.59
CA ALA A 277 -11.84 5.12 -13.05
C ALA A 277 -11.64 4.60 -11.65
N TRP A 278 -10.39 4.38 -11.24
CA TRP A 278 -10.09 3.69 -9.99
C TRP A 278 -8.74 4.20 -9.53
N ILE A 279 -8.62 4.54 -8.23
CA ILE A 279 -7.40 5.12 -7.71
C ILE A 279 -7.07 4.38 -6.42
N ALA A 280 -5.90 3.79 -6.35
CA ALA A 280 -5.36 3.30 -5.08
C ALA A 280 -4.36 4.29 -4.52
N GLY A 281 -4.30 4.37 -3.17
CA GLY A 281 -3.32 5.29 -2.59
C GLY A 281 -3.22 5.02 -1.09
N THR A 282 -2.20 5.61 -0.48
CA THR A 282 -2.19 5.66 1.01
C THR A 282 -3.27 6.57 1.56
N PRO A 283 -3.56 6.47 2.86
CA PRO A 283 -4.48 7.45 3.43
C PRO A 283 -3.95 8.86 3.25
N SER A 284 -2.63 8.99 3.38
CA SER A 284 -2.03 10.28 3.18
C SER A 284 -2.31 10.84 1.78
N ASN A 285 -2.23 9.98 0.75
CA ASN A 285 -2.54 10.42 -0.62
C ASN A 285 -3.91 11.08 -0.65
N PHE A 286 -4.92 10.41 -0.07
CA PHE A 286 -6.27 10.94 -0.20
C PHE A 286 -6.50 12.17 0.66
N HIS A 287 -5.87 12.22 1.83
CA HIS A 287 -5.92 13.43 2.65
C HIS A 287 -5.42 14.64 1.88
N LYS A 288 -4.32 14.45 1.12
CA LYS A 288 -3.78 15.54 0.32
C LYS A 288 -4.75 15.94 -0.78
N ILE A 289 -5.39 14.95 -1.41
CA ILE A 289 -6.36 15.26 -2.45
C ILE A 289 -7.50 16.11 -1.87
N ILE A 290 -7.95 15.76 -0.67
CA ILE A 290 -9.00 16.50 0.01
C ILE A 290 -8.53 17.92 0.30
N LYS A 291 -7.31 18.05 0.81
CA LYS A 291 -6.83 19.36 1.21
C LYS A 291 -6.67 20.30 0.02
N ASN A 292 -6.31 19.77 -1.14
CA ASN A 292 -6.15 20.61 -2.33
C ASN A 292 -7.45 21.27 -2.74
N GLU A 293 -8.59 20.63 -2.46
CA GLU A 293 -9.89 21.18 -2.84
C GLU A 293 -10.26 22.42 -2.06
N GLU A 294 -9.73 22.59 -0.83
CA GLU A 294 -10.05 23.76 -0.05
C GLU A 294 -9.73 25.03 -0.82
N ASN A 295 -8.65 25.00 -1.61
CA ASN A 295 -8.37 26.03 -2.60
C ASN A 295 -9.05 25.65 -3.91
N ASN A 296 -8.29 25.62 -5.00
CA ASN A 296 -8.82 25.25 -6.30
C ASN A 296 -10.07 26.07 -6.63
N ASN A 297 -10.79 25.65 -7.67
CA ASN A 297 -11.99 26.39 -8.07
C ASN A 297 -12.86 25.50 -8.94
N ASN A 298 -12.28 24.98 -10.03
CA ASN A 298 -13.03 24.15 -10.97
C ASN A 298 -13.57 22.89 -10.33
N SER A 299 -13.02 22.51 -9.18
CA SER A 299 -13.52 21.39 -8.39
C SER A 299 -13.31 20.09 -9.15
N LEU A 300 -12.66 19.15 -8.48
CA LEU A 300 -12.42 17.84 -9.05
C LEU A 300 -13.62 16.95 -8.70
N ASP A 301 -14.17 16.30 -9.72
CA ASP A 301 -15.32 15.40 -9.57
C ASP A 301 -14.84 13.96 -9.45
N LEU A 302 -14.80 13.46 -8.22
CA LEU A 302 -14.46 12.07 -7.94
C LEU A 302 -15.69 11.24 -7.60
N SER A 303 -16.90 11.76 -7.87
CA SER A 303 -18.11 11.07 -7.44
C SER A 303 -18.30 9.70 -8.12
N GLU A 304 -17.87 9.57 -9.37
CA GLU A 304 -17.94 8.30 -10.10
C GLU A 304 -16.66 7.46 -9.97
N THR A 305 -15.64 7.97 -9.28
CA THR A 305 -14.35 7.30 -9.19
C THR A 305 -14.28 6.42 -7.95
N VAL A 306 -13.74 5.23 -8.12
CA VAL A 306 -13.64 4.28 -7.00
C VAL A 306 -12.25 4.46 -6.42
N CYS A 307 -12.18 4.86 -5.16
CA CYS A 307 -10.89 5.10 -4.50
C CYS A 307 -10.66 4.10 -3.38
N VAL A 308 -9.44 3.57 -3.30
CA VAL A 308 -9.10 2.50 -2.37
C VAL A 308 -7.89 2.96 -1.55
N ALA A 309 -8.09 3.13 -0.24
CA ALA A 309 -7.02 3.54 0.66
C ALA A 309 -6.38 2.27 1.21
N GLY A 310 -5.06 2.19 1.13
CA GLY A 310 -4.39 0.94 1.43
C GLY A 310 -3.46 1.06 2.61
N GLY A 311 -3.49 0.04 3.49
N GLY A 311 -3.52 0.13 3.56
CA GLY A 311 -2.54 -0.12 4.57
CA GLY A 311 -2.69 0.26 4.75
C GLY A 311 -2.67 -1.34 5.51
C GLY A 311 -3.15 -0.73 5.79
N ASP A 312 -2.48 -1.02 6.80
N ASP A 312 -2.29 -0.89 6.82
CA ASP A 312 -2.53 -1.96 7.92
CA ASP A 312 -2.46 -1.88 7.90
C ASP A 312 -3.28 -1.34 9.09
C ASP A 312 -3.27 -1.33 9.06
N SER A 313 -4.14 -0.37 8.77
CA SER A 313 -4.98 0.27 9.74
C SER A 313 -6.43 0.32 9.24
N CYS A 314 -7.10 1.36 9.68
CA CYS A 314 -8.51 1.61 9.41
C CYS A 314 -8.66 3.01 8.82
N ALA A 315 -9.49 3.14 7.78
CA ALA A 315 -9.67 4.44 7.15
C ALA A 315 -11.08 5.00 7.35
N THR A 316 -11.71 4.71 8.49
CA THR A 316 -13.09 5.15 8.65
C THR A 316 -13.20 6.66 8.76
N GLU A 317 -12.33 7.34 9.53
CA GLU A 317 -12.47 8.79 9.61
C GLU A 317 -12.17 9.45 8.27
N LEU A 318 -11.16 8.96 7.58
CA LEU A 318 -10.87 9.49 6.25
C LEU A 318 -12.09 9.32 5.32
N SER A 319 -12.79 8.20 5.40
CA SER A 319 -13.93 7.99 4.48
C SER A 319 -15.01 9.04 4.70
N GLN A 320 -15.22 9.46 5.97
CA GLN A 320 -16.18 10.52 6.24
C GLN A 320 -15.77 11.83 5.58
N LYS A 321 -14.51 12.23 5.77
CA LYS A 321 -14.03 13.46 5.14
C LYS A 321 -14.07 13.35 3.63
N PHE A 322 -13.77 12.17 3.10
CA PHE A 322 -13.70 12.01 1.65
C PHE A 322 -15.09 12.08 1.03
N PHE A 323 -16.09 11.52 1.70
CA PHE A 323 -17.45 11.68 1.20
C PHE A 323 -17.92 13.12 1.29
N GLU A 324 -17.63 13.80 2.39
CA GLU A 324 -18.06 15.19 2.49
C GLU A 324 -17.49 15.99 1.33
N CYS A 325 -16.23 15.73 1.01
CA CYS A 325 -15.54 16.54 0.03
C CYS A 325 -15.95 16.19 -1.39
N PHE A 326 -16.01 14.90 -1.73
CA PHE A 326 -16.24 14.52 -3.11
C PHE A 326 -17.52 13.78 -3.38
N GLY A 327 -18.27 13.37 -2.35
CA GLY A 327 -19.38 12.48 -2.61
C GLY A 327 -18.98 11.12 -3.14
N SER A 328 -17.73 10.72 -2.93
CA SER A 328 -17.23 9.43 -3.38
C SER A 328 -17.16 8.53 -2.15
N HIS A 329 -17.28 7.21 -2.38
CA HIS A 329 -17.48 6.25 -1.30
C HIS A 329 -16.18 5.48 -1.15
N LEU A 330 -15.33 5.92 -0.22
CA LEU A 330 -14.00 5.36 -0.09
C LEU A 330 -14.05 3.88 0.26
N GLN A 331 -13.07 3.15 -0.26
CA GLN A 331 -12.88 1.74 0.03
C GLN A 331 -11.54 1.61 0.73
N SER A 332 -11.30 0.45 1.32
CA SER A 332 -9.96 0.25 1.85
C SER A 332 -9.51 -1.18 1.61
N SER A 333 -8.19 -1.33 1.64
CA SER A 333 -7.56 -2.62 1.47
C SER A 333 -6.56 -2.77 2.59
N TYR A 334 -6.49 -3.96 3.15
CA TYR A 334 -5.65 -4.20 4.30
C TYR A 334 -4.80 -5.41 3.95
N GLY A 335 -3.49 -5.27 4.02
CA GLY A 335 -2.68 -6.40 3.63
C GLY A 335 -1.22 -6.07 3.86
N GLN A 336 -0.39 -7.09 3.65
CA GLN A 336 1.05 -6.86 3.82
C GLN A 336 1.81 -7.93 3.06
N THR A 337 3.09 -7.65 2.83
CA THR A 337 3.91 -8.53 2.00
C THR A 337 3.96 -9.96 2.54
N GLU A 338 4.08 -10.14 3.87
CA GLU A 338 4.15 -11.51 4.42
C GLU A 338 2.89 -12.32 4.14
N LEU A 339 1.78 -11.67 3.92
CA LEU A 339 0.53 -12.34 3.61
C LEU A 339 0.32 -12.45 2.12
N GLY A 340 1.37 -12.15 1.35
CA GLY A 340 1.26 -12.32 -0.11
C GLY A 340 0.61 -11.14 -0.81
N GLY A 341 -0.58 -10.79 -0.37
CA GLY A 341 -1.31 -9.69 -0.94
C GLY A 341 -2.31 -9.07 0.02
N PRO A 342 -3.20 -8.26 -0.51
CA PRO A 342 -4.39 -7.82 0.24
C PRO A 342 -5.12 -9.04 0.80
N VAL A 343 -5.60 -8.91 2.05
CA VAL A 343 -6.38 -10.00 2.61
C VAL A 343 -7.74 -9.60 3.11
N ILE A 344 -7.94 -8.34 3.45
CA ILE A 344 -9.22 -7.87 3.98
C ILE A 344 -9.58 -6.61 3.20
N TYR A 345 -10.82 -6.54 2.77
CA TYR A 345 -11.25 -5.52 1.85
C TYR A 345 -12.54 -4.90 2.33
N HIS A 346 -12.57 -3.56 2.39
CA HIS A 346 -13.76 -2.85 2.79
C HIS A 346 -14.32 -2.14 1.57
N HIS A 347 -15.36 -2.71 0.97
CA HIS A 347 -15.85 -2.12 -0.27
C HIS A 347 -16.73 -0.91 -0.02
N ASP A 348 -16.99 -0.49 1.24
CA ASP A 348 -17.76 0.73 1.45
C ASP A 348 -17.60 1.24 2.91
N ILE A 349 -16.45 1.87 3.18
CA ILE A 349 -16.11 2.21 4.58
C ILE A 349 -17.17 3.08 5.21
N TYR A 350 -17.65 4.08 4.46
CA TYR A 350 -18.48 5.09 5.04
C TYR A 350 -19.85 4.53 5.42
N ALA A 351 -20.25 3.40 4.79
CA ALA A 351 -21.53 2.80 5.13
C ALA A 351 -21.60 2.29 6.59
N ILE A 352 -20.45 2.02 7.16
CA ILE A 352 -20.37 1.49 8.53
C ILE A 352 -19.97 2.62 9.45
N ASN A 353 -20.84 2.93 10.42
CA ASN A 353 -20.61 4.08 11.30
C ASN A 353 -19.43 3.83 12.23
N GLU A 354 -19.22 2.57 12.67
CA GLU A 354 -18.06 2.21 13.54
C GLU A 354 -16.78 2.08 12.71
N PRO A 355 -15.61 2.35 13.29
CA PRO A 355 -14.36 2.01 12.60
C PRO A 355 -14.30 0.54 12.23
N SER A 356 -14.02 0.28 10.98
CA SER A 356 -14.02 -1.08 10.50
C SER A 356 -13.03 -1.28 9.35
N ILE A 357 -12.57 -2.50 9.23
CA ILE A 357 -11.69 -2.81 8.13
C ILE A 357 -12.28 -3.71 7.06
N GLY A 358 -13.50 -4.18 7.21
CA GLY A 358 -14.06 -4.90 6.09
C GLY A 358 -14.05 -6.41 6.25
N TRP A 359 -14.04 -7.11 5.13
CA TRP A 359 -14.29 -8.53 5.09
C TRP A 359 -13.07 -9.28 4.58
N PRO A 360 -12.81 -10.49 5.09
CA PRO A 360 -11.74 -11.32 4.49
C PRO A 360 -12.05 -11.63 3.04
N LEU A 361 -11.01 -11.55 2.23
CA LEU A 361 -11.09 -11.91 0.83
C LEU A 361 -11.24 -13.41 0.66
N PRO A 362 -11.55 -13.88 -0.55
CA PRO A 362 -11.73 -15.34 -0.75
C PRO A 362 -10.51 -16.14 -0.39
N GLY A 363 -10.73 -17.22 0.38
CA GLY A 363 -9.67 -18.09 0.84
C GLY A 363 -8.94 -17.61 2.07
N VAL A 364 -9.13 -16.35 2.47
CA VAL A 364 -8.46 -15.83 3.65
C VAL A 364 -9.12 -16.41 4.89
N GLU A 365 -8.30 -16.93 5.81
CA GLU A 365 -8.79 -17.45 7.09
C GLU A 365 -8.42 -16.49 8.20
N ILE A 366 -9.33 -16.27 9.15
CA ILE A 366 -8.96 -15.40 10.25
C ILE A 366 -9.25 -16.13 11.54
N LYS A 367 -8.51 -15.76 12.57
CA LYS A 367 -8.80 -16.19 13.92
C LYS A 367 -8.69 -14.96 14.81
N ILE A 368 -9.60 -14.85 15.76
CA ILE A 368 -9.59 -13.75 16.69
C ILE A 368 -9.24 -14.34 18.05
N ASN A 369 -8.14 -13.87 18.61
CA ASN A 369 -7.58 -14.51 19.78
C ASN A 369 -8.59 -14.48 20.91
N ASN A 370 -8.83 -15.65 21.51
CA ASN A 370 -9.86 -15.81 22.55
C ASN A 370 -9.40 -15.09 23.79
N THR A 371 -10.10 -14.03 24.15
CA THR A 371 -9.78 -13.30 25.37
C THR A 371 -10.89 -13.46 26.40
N GLN A 372 -11.71 -14.52 26.27
CA GLN A 372 -12.97 -14.65 27.00
C GLN A 372 -13.83 -13.39 26.84
N SER A 373 -13.89 -12.88 25.61
CA SER A 373 -14.69 -11.70 25.26
C SER A 373 -14.84 -11.69 23.75
N SER A 374 -15.65 -10.75 23.22
CA SER A 374 -15.82 -10.69 21.77
C SER A 374 -14.66 -10.01 21.05
N ASN A 375 -13.76 -9.31 21.77
CA ASN A 375 -12.68 -8.55 21.10
C ASN A 375 -11.34 -9.26 21.25
N GLY A 376 -10.55 -9.33 20.17
CA GLY A 376 -9.23 -9.89 20.39
C GLY A 376 -8.31 -9.61 19.23
N GLU A 377 -7.06 -10.05 19.37
CA GLU A 377 -6.10 -9.86 18.28
C GLU A 377 -6.48 -10.63 17.01
N LEU A 378 -6.42 -9.93 15.88
CA LEU A 378 -6.67 -10.51 14.56
C LEU A 378 -5.44 -11.29 14.12
N LEU A 379 -5.64 -12.58 13.85
CA LEU A 379 -4.67 -13.48 13.24
C LEU A 379 -5.14 -13.87 11.86
N ILE A 380 -4.22 -13.99 10.90
CA ILE A 380 -4.62 -14.17 9.51
C ILE A 380 -3.78 -15.26 8.87
N ARG A 381 -4.43 -16.14 8.11
CA ARG A 381 -3.75 -17.01 7.18
C ARG A 381 -4.24 -16.71 5.75
N SER A 382 -3.31 -16.52 4.85
CA SER A 382 -3.65 -16.08 3.49
C SER A 382 -3.55 -17.21 2.47
N PRO A 383 -4.41 -17.23 1.44
CA PRO A 383 -4.24 -18.24 0.37
C PRO A 383 -3.04 -17.97 -0.50
N ALA A 384 -2.46 -16.77 -0.42
CA ALA A 384 -1.19 -16.50 -1.10
C ALA A 384 -0.08 -16.77 -0.11
N LYS A 385 0.48 -17.97 -0.20
CA LYS A 385 1.51 -18.43 0.71
C LYS A 385 2.88 -18.04 0.20
N THR A 386 3.55 -17.16 0.94
CA THR A 386 4.95 -16.88 0.66
C THR A 386 5.80 -18.10 1.02
N ILE A 387 6.95 -18.20 0.38
CA ILE A 387 7.76 -19.40 0.49
C ILE A 387 8.62 -19.37 1.75
N GLY A 388 9.02 -18.18 2.17
CA GLY A 388 10.01 -18.09 3.23
C GLY A 388 10.72 -16.75 3.17
N ILE A 389 11.78 -16.66 3.94
CA ILE A 389 12.53 -15.42 4.03
C ILE A 389 13.94 -15.68 3.55
N TRP A 390 14.38 -14.87 2.61
CA TRP A 390 15.72 -14.96 2.11
C TRP A 390 16.65 -14.30 3.13
N ASN A 391 17.64 -15.03 3.60
CA ASN A 391 18.45 -14.53 4.70
C ASN A 391 19.83 -14.10 4.24
N GLY A 392 20.01 -13.97 2.93
CA GLY A 392 21.29 -13.74 2.33
C GLY A 392 21.92 -14.99 1.78
N HIS A 393 21.68 -16.14 2.41
CA HIS A 393 22.31 -17.40 2.00
C HIS A 393 21.31 -18.48 1.64
N ASP A 394 20.22 -18.62 2.40
CA ASP A 394 19.19 -19.59 2.12
C ASP A 394 17.81 -19.02 2.46
N ILE A 395 16.78 -19.78 2.10
CA ILE A 395 15.42 -19.41 2.45
C ILE A 395 15.08 -20.03 3.79
N GLU A 396 14.61 -19.22 4.72
CA GLU A 396 14.00 -19.75 5.92
C GLU A 396 12.54 -20.02 5.59
N LEU A 397 12.16 -21.30 5.56
CA LEU A 397 10.87 -21.67 5.00
C LEU A 397 9.73 -21.39 5.98
N PHE A 398 8.58 -21.01 5.40
CA PHE A 398 7.37 -20.73 6.16
C PHE A 398 6.53 -22.00 6.26
N PRO A 399 6.19 -22.47 7.46
CA PRO A 399 5.16 -23.52 7.56
C PRO A 399 3.85 -23.00 7.00
N SER A 400 3.34 -23.68 5.95
CA SER A 400 2.20 -23.14 5.20
C SER A 400 0.94 -22.98 6.06
N ASP A 401 0.94 -23.53 7.28
CA ASP A 401 -0.19 -23.39 8.17
C ASP A 401 -0.05 -22.23 9.15
N ARG A 402 1.06 -21.51 9.13
CA ARG A 402 1.32 -20.46 10.11
C ARG A 402 0.23 -19.38 10.07
N TRP A 403 -0.12 -18.87 11.26
CA TRP A 403 -0.95 -17.67 11.42
C TRP A 403 -0.05 -16.46 11.64
N LEU A 404 -0.39 -15.34 11.01
CA LEU A 404 0.32 -14.08 11.26
C LEU A 404 -0.45 -13.26 12.30
N ALA A 405 0.23 -12.86 13.38
CA ALA A 405 -0.36 -11.98 14.38
C ALA A 405 -0.20 -10.54 13.94
N THR A 406 -1.32 -9.87 13.69
CA THR A 406 -1.29 -8.52 13.12
C THR A 406 -0.97 -7.42 14.14
N GLY A 407 -1.20 -7.66 15.42
CA GLY A 407 -1.12 -6.64 16.43
C GLY A 407 -2.33 -5.74 16.50
N ASP A 408 -3.36 -6.01 15.71
CA ASP A 408 -4.60 -5.24 15.65
C ASP A 408 -5.73 -6.00 16.36
N LEU A 409 -6.53 -5.27 17.11
CA LEU A 409 -7.70 -5.79 17.81
C LEU A 409 -8.94 -5.64 16.95
N VAL A 410 -9.79 -6.66 16.94
CA VAL A 410 -11.00 -6.61 16.12
C VAL A 410 -12.13 -7.31 16.86
N ARG A 411 -13.34 -7.14 16.32
CA ARG A 411 -14.51 -7.90 16.69
C ARG A 411 -15.21 -8.22 15.40
N GLN A 412 -15.69 -9.45 15.24
CA GLN A 412 -16.29 -9.82 13.97
C GLN A 412 -17.80 -9.75 14.15
N GLU A 413 -18.47 -9.02 13.24
CA GLU A 413 -19.93 -8.90 13.35
C GLU A 413 -20.57 -10.11 12.68
N ASN A 414 -21.90 -10.18 12.85
CA ASN A 414 -22.69 -11.27 12.30
C ASN A 414 -22.53 -11.42 10.80
N ASN A 415 -22.29 -10.32 10.08
CA ASN A 415 -22.20 -10.42 8.65
C ASN A 415 -20.74 -10.61 8.18
N GLY A 416 -19.81 -10.84 9.13
CA GLY A 416 -18.41 -11.00 8.78
C GLY A 416 -17.54 -9.77 8.87
N ASN A 417 -18.14 -8.59 8.97
CA ASN A 417 -17.35 -7.36 8.97
C ASN A 417 -16.46 -7.30 10.23
N LEU A 418 -15.19 -6.90 10.03
CA LEU A 418 -14.25 -6.80 11.16
C LEU A 418 -14.28 -5.37 11.66
N ILE A 419 -14.94 -5.18 12.78
CA ILE A 419 -14.85 -3.92 13.49
C ILE A 419 -13.44 -3.72 14.01
N PHE A 420 -12.92 -2.52 13.88
CA PHE A 420 -11.53 -2.26 14.20
C PHE A 420 -11.44 -1.57 15.55
N LEU A 421 -10.71 -2.18 16.46
CA LEU A 421 -10.62 -1.67 17.81
C LEU A 421 -9.26 -1.07 18.09
N GLY A 422 -8.44 -0.95 17.06
CA GLY A 422 -7.15 -0.27 17.22
C GLY A 422 -6.01 -1.25 17.44
N ARG A 423 -4.83 -0.67 17.59
CA ARG A 423 -3.66 -1.46 17.93
C ARG A 423 -3.79 -2.04 19.33
N GLU A 424 -3.35 -3.29 19.49
CA GLU A 424 -3.37 -3.88 20.82
C GLU A 424 -2.60 -3.03 21.80
N LYS A 425 -1.54 -2.39 21.34
CA LYS A 425 -0.69 -1.66 22.28
C LYS A 425 -1.22 -0.29 22.63
N ASP A 426 -2.29 0.18 21.99
CA ASP A 426 -2.93 1.42 22.39
C ASP A 426 -4.09 1.21 23.34
N GLN A 427 -4.38 -0.05 23.65
CA GLN A 427 -5.54 -0.37 24.46
C GLN A 427 -5.32 0.22 25.86
N ILE A 428 -6.38 0.75 26.42
CA ILE A 428 -6.39 1.27 27.81
C ILE A 428 -7.19 0.34 28.70
N LYS A 429 -6.76 0.16 29.98
CA LYS A 429 -7.52 -0.64 30.93
C LYS A 429 -8.17 0.28 31.96
N ILE A 430 -9.48 0.17 32.09
CA ILE A 430 -10.23 0.92 33.09
C ILE A 430 -10.99 -0.09 33.93
N GLU A 431 -10.73 -0.08 35.25
CA GLU A 431 -11.38 -1.02 36.14
C GLU A 431 -11.30 -2.44 35.61
N GLY A 432 -10.17 -2.81 34.98
CA GLY A 432 -10.00 -4.16 34.49
C GLY A 432 -10.45 -4.39 33.05
N TYR A 433 -11.25 -3.48 32.49
CA TYR A 433 -11.87 -3.60 31.17
C TYR A 433 -11.09 -2.84 30.11
N PRO A 434 -10.97 -3.43 28.92
CA PRO A 434 -10.25 -2.76 27.85
C PRO A 434 -11.06 -1.61 27.26
N VAL A 435 -10.37 -0.48 27.03
CA VAL A 435 -10.94 0.69 26.38
C VAL A 435 -10.10 1.01 25.14
N TYR A 436 -10.79 1.34 24.04
CA TYR A 436 -10.09 1.49 22.77
C TYR A 436 -10.15 2.93 22.33
N PRO A 437 -9.02 3.64 22.31
CA PRO A 437 -9.04 5.05 21.86
C PRO A 437 -9.69 5.27 20.51
N ILE A 438 -9.41 4.42 19.50
CA ILE A 438 -9.97 4.67 18.19
C ILE A 438 -11.50 4.70 18.25
N GLU A 439 -12.10 3.89 19.13
CA GLU A 439 -13.56 3.90 19.24
C GLU A 439 -14.06 5.21 19.88
N ILE A 440 -13.35 5.71 20.90
CA ILE A 440 -13.77 6.96 21.53
C ILE A 440 -13.59 8.12 20.57
N GLU A 441 -12.44 8.16 19.87
CA GLU A 441 -12.19 9.20 18.88
C GLU A 441 -13.28 9.24 17.83
N ASN A 442 -13.72 8.06 17.37
CA ASN A 442 -14.74 8.03 16.33
C ASN A 442 -16.04 8.66 16.83
N THR A 443 -16.39 8.45 18.09
CA THR A 443 -17.58 9.08 18.65
C THR A 443 -17.42 10.59 18.74
N LEU A 444 -16.26 11.03 19.26
CA LEU A 444 -16.03 12.45 19.50
C LEU A 444 -16.15 13.26 18.22
N ILE A 445 -15.49 12.81 17.16
CA ILE A 445 -15.46 13.60 15.94
C ILE A 445 -16.85 13.73 15.27
N GLN A 446 -17.83 12.89 15.61
CA GLN A 446 -19.17 13.07 15.05
C GLN A 446 -19.80 14.37 15.51
N HIS A 447 -19.37 14.90 16.66
CA HIS A 447 -19.91 16.16 17.13
C HIS A 447 -19.59 17.27 16.13
N ALA A 448 -20.56 18.14 15.88
CA ALA A 448 -20.38 19.21 14.92
C ALA A 448 -19.29 20.19 15.34
N ASP A 449 -19.11 20.40 16.64
CA ASP A 449 -18.12 21.34 17.14
C ASP A 449 -16.72 20.75 17.27
N ILE A 450 -16.53 19.46 17.00
CA ILE A 450 -15.24 18.81 17.19
C ILE A 450 -14.64 18.52 15.82
N ALA A 451 -13.52 19.19 15.51
CA ALA A 451 -12.87 18.95 14.23
C ALA A 451 -12.03 17.68 14.26
N ALA A 452 -11.34 17.43 15.36
CA ALA A 452 -10.43 16.30 15.42
C ALA A 452 -10.21 16.00 16.89
N SER A 453 -9.68 14.82 17.14
CA SER A 453 -9.52 14.39 18.52
C SER A 453 -8.53 13.24 18.55
N VAL A 454 -7.75 13.16 19.62
CA VAL A 454 -6.89 12.01 19.88
C VAL A 454 -7.09 11.63 21.35
N VAL A 455 -7.31 10.33 21.63
CA VAL A 455 -7.55 9.84 23.00
C VAL A 455 -6.38 8.96 23.42
N PHE A 456 -5.89 9.13 24.66
CA PHE A 456 -4.79 8.33 25.16
C PHE A 456 -4.92 8.27 26.68
N SER A 457 -4.05 7.51 27.31
CA SER A 457 -4.10 7.49 28.76
C SER A 457 -2.78 7.93 29.36
N VAL A 458 -2.85 8.30 30.64
CA VAL A 458 -1.67 8.62 31.44
C VAL A 458 -1.73 7.76 32.69
N PRO A 459 -0.58 7.51 33.28
CA PRO A 459 -0.56 6.79 34.56
C PRO A 459 -1.36 7.51 35.62
N ASP A 460 -1.96 6.72 36.51
CA ASP A 460 -2.73 7.24 37.63
C ASP A 460 -2.45 6.37 38.83
N LYS A 461 -2.14 6.99 39.97
CA LYS A 461 -1.62 6.24 41.11
C LYS A 461 -2.61 5.19 41.58
N TYR A 462 -3.90 5.53 41.61
CA TYR A 462 -4.87 4.64 42.18
C TYR A 462 -5.88 4.10 41.17
N ALA A 463 -5.95 4.65 39.97
CA ALA A 463 -6.79 4.05 38.95
C ALA A 463 -5.97 3.26 37.93
N GLY A 464 -4.63 3.32 38.02
CA GLY A 464 -3.80 2.67 37.02
C GLY A 464 -3.58 3.58 35.82
N GLU A 465 -4.67 3.86 35.11
CA GLU A 465 -4.64 4.75 33.97
C GLU A 465 -5.81 5.70 34.04
N ARG A 466 -5.65 6.87 33.39
CA ARG A 466 -6.73 7.84 33.30
C ARG A 466 -6.82 8.29 31.85
N ILE A 467 -8.04 8.39 31.33
CA ILE A 467 -8.23 8.69 29.90
C ILE A 467 -8.24 10.18 29.67
N ILE A 468 -7.40 10.63 28.74
CA ILE A 468 -7.33 12.03 28.34
C ILE A 468 -7.83 12.15 26.90
N ALA A 469 -8.61 13.18 26.62
CA ALA A 469 -9.01 13.45 25.23
C ALA A 469 -8.41 14.76 24.79
N LEU A 470 -7.63 14.72 23.72
CA LEU A 470 -7.24 15.94 23.03
C LEU A 470 -8.35 16.31 22.04
N ILE A 471 -8.90 17.51 22.17
CA ILE A 471 -10.06 17.95 21.40
C ILE A 471 -9.67 19.15 20.55
N GLN A 472 -9.86 19.05 19.24
CA GLN A 472 -9.60 20.19 18.35
C GLN A 472 -10.93 20.76 17.89
N PRO A 473 -11.33 21.94 18.40
CA PRO A 473 -12.63 22.50 18.03
C PRO A 473 -12.73 22.80 16.55
N GLN A 474 -13.93 22.60 16.02
CA GLN A 474 -14.25 22.81 14.61
C GLN A 474 -14.35 24.30 14.31
N LYS A 475 -14.42 24.60 13.01
CA LYS A 475 -14.83 25.88 12.46
C LYS A 475 -14.02 27.00 13.13
N ASN A 476 -14.67 28.16 13.27
CA ASN A 476 -14.23 29.28 14.10
C ASN A 476 -15.09 29.34 15.36
N HIS A 477 -15.37 28.17 15.92
CA HIS A 477 -16.47 27.97 16.86
C HIS A 477 -15.97 27.77 18.29
N SER A 478 -16.89 27.96 19.22
CA SER A 478 -16.65 27.73 20.63
C SER A 478 -17.22 26.38 21.05
N LEU A 479 -16.61 25.80 22.08
CA LEU A 479 -17.02 24.49 22.55
C LEU A 479 -16.65 24.34 24.01
N LYS A 480 -17.63 23.97 24.82
CA LYS A 480 -17.45 23.78 26.25
C LYS A 480 -17.46 22.28 26.57
N ALA A 481 -16.57 21.88 27.48
CA ALA A 481 -16.40 20.47 27.81
C ALA A 481 -17.71 19.83 28.26
N GLU A 482 -18.55 20.59 28.95
CA GLU A 482 -19.81 20.03 29.45
C GLU A 482 -20.66 19.51 28.32
N THR A 483 -20.60 20.16 27.15
CA THR A 483 -21.28 19.65 25.97
C THR A 483 -20.80 18.25 25.64
N ILE A 484 -19.49 18.03 25.74
CA ILE A 484 -18.90 16.76 25.34
C ILE A 484 -19.26 15.66 26.33
N ALA A 485 -19.11 15.94 27.63
CA ALA A 485 -19.44 14.92 28.60
C ALA A 485 -20.90 14.48 28.46
N SER A 486 -21.82 15.43 28.30
CA SER A 486 -23.21 15.03 28.13
C SER A 486 -23.41 14.25 26.83
N TYR A 487 -22.76 14.69 25.75
CA TYR A 487 -22.83 13.97 24.48
C TYR A 487 -22.33 12.54 24.62
N LEU A 488 -21.25 12.33 25.38
CA LEU A 488 -20.74 10.97 25.56
C LEU A 488 -21.66 10.12 26.44
N SER A 489 -22.32 10.72 27.42
CA SER A 489 -23.30 9.98 28.23
C SER A 489 -24.35 9.29 27.37
N ASP A 490 -24.78 9.95 26.30
CA ASP A 490 -25.79 9.38 25.42
C ASP A 490 -25.23 8.38 24.43
N ASN A 491 -23.91 8.32 24.23
CA ASN A 491 -23.36 7.52 23.15
C ASN A 491 -22.35 6.47 23.55
N LEU A 492 -21.73 6.57 24.73
CA LEU A 492 -20.69 5.63 25.13
C LEU A 492 -20.91 5.19 26.57
N ALA A 493 -20.51 3.96 26.86
CA ALA A 493 -20.48 3.52 28.25
C ALA A 493 -19.61 4.45 29.09
N HIS A 494 -20.01 4.64 30.36
CA HIS A 494 -19.35 5.62 31.20
C HIS A 494 -17.88 5.29 31.43
N TYR A 495 -17.52 4.00 31.48
CA TYR A 495 -16.12 3.71 31.82
C TYR A 495 -15.19 4.06 30.68
N LYS A 496 -15.74 4.24 29.48
CA LYS A 496 -14.95 4.65 28.33
C LYS A 496 -14.75 6.16 28.26
N HIS A 497 -15.41 6.91 29.13
CA HIS A 497 -15.41 8.36 29.05
C HIS A 497 -14.05 8.94 29.45
N PRO A 498 -13.58 9.95 28.72
CA PRO A 498 -12.38 10.66 29.15
C PRO A 498 -12.59 11.24 30.54
N SER A 499 -11.53 11.21 31.34
CA SER A 499 -11.53 11.94 32.59
C SER A 499 -11.20 13.42 32.43
N GLU A 500 -10.72 13.84 31.27
CA GLU A 500 -10.16 15.16 31.09
C GLU A 500 -10.14 15.51 29.62
N TYR A 501 -10.34 16.79 29.33
CA TYR A 501 -10.37 17.32 27.96
C TYR A 501 -9.28 18.37 27.83
N ILE A 502 -8.45 18.25 26.80
CA ILE A 502 -7.44 19.24 26.48
C ILE A 502 -7.81 19.87 25.15
N PHE A 503 -8.24 21.13 25.17
CA PHE A 503 -8.62 21.81 23.95
C PHE A 503 -7.38 22.44 23.34
N ILE A 504 -7.11 22.09 22.09
CA ILE A 504 -5.98 22.66 21.35
C ILE A 504 -6.45 22.79 19.90
N LYS A 505 -6.18 23.93 19.26
CA LYS A 505 -6.78 24.10 17.95
C LYS A 505 -5.88 23.59 16.83
N GLU A 506 -4.74 22.98 17.16
CA GLU A 506 -3.97 22.22 16.21
C GLU A 506 -3.36 21.03 16.94
N ILE A 507 -3.69 19.83 16.50
CA ILE A 507 -3.14 18.63 17.13
C ILE A 507 -1.80 18.32 16.49
N PRO A 508 -0.72 18.13 17.26
CA PRO A 508 0.60 17.87 16.66
C PRO A 508 0.67 16.62 15.79
N VAL A 509 0.79 16.78 14.46
CA VAL A 509 1.04 15.66 13.56
C VAL A 509 2.41 15.86 12.91
N ASN A 510 2.78 14.98 11.97
CA ASN A 510 4.03 15.12 11.21
C ASN A 510 3.88 14.59 9.79
N ILE A 515 -0.23 9.13 14.70
CA ILE A 515 0.20 10.32 15.43
C ILE A 515 0.89 9.91 16.73
N SER A 516 0.81 8.62 17.07
CA SER A 516 1.43 8.02 18.25
C SER A 516 0.76 8.44 19.55
N ARG A 517 -0.21 7.64 20.01
CA ARG A 517 -0.81 8.00 21.28
C ARG A 517 0.20 7.87 22.41
N ARG A 518 1.21 7.02 22.23
CA ARG A 518 2.29 6.85 23.20
C ARG A 518 3.10 8.14 23.38
N LYS A 519 3.51 8.75 22.27
CA LYS A 519 4.27 9.98 22.41
C LYS A 519 3.41 11.12 22.95
N LEU A 520 2.13 11.15 22.59
CA LEU A 520 1.26 12.17 23.18
C LEU A 520 1.12 11.99 24.68
N SER A 521 0.95 10.74 25.15
CA SER A 521 0.90 10.48 26.58
C SER A 521 2.16 11.01 27.24
N ASN A 522 3.29 10.84 26.57
CA ASN A 522 4.57 11.24 27.13
C ASN A 522 4.70 12.74 27.21
N GLU A 523 3.91 13.47 26.41
CA GLU A 523 3.92 14.93 26.36
C GLU A 523 2.70 15.55 27.02
N TYR A 524 2.02 14.78 27.87
CA TYR A 524 0.76 15.20 28.50
C TYR A 524 0.87 16.54 29.22
N HIS A 525 1.92 16.69 30.08
CA HIS A 525 2.08 17.96 30.79
C HIS A 525 2.42 19.10 29.83
N LEU A 526 3.23 18.86 28.81
CA LEU A 526 3.47 19.89 27.79
C LEU A 526 2.15 20.27 27.12
N LEU A 527 1.39 19.27 26.68
CA LEU A 527 0.10 19.53 26.02
C LEU A 527 -0.78 20.41 26.89
N LYS A 528 -0.96 20.03 28.18
CA LYS A 528 -1.78 20.88 29.05
C LYS A 528 -1.26 22.31 29.09
N SER A 529 0.07 22.49 29.09
CA SER A 529 0.56 23.85 29.22
C SER A 529 0.34 24.64 27.95
N GLN A 530 0.15 23.97 26.82
CA GLN A 530 -0.06 24.68 25.58
C GLN A 530 -1.53 24.77 25.20
N ALA A 531 -2.41 24.24 26.03
CA ALA A 531 -3.81 24.07 25.66
C ALA A 531 -4.55 25.40 25.63
N GLU A 532 -5.57 25.47 24.76
CA GLU A 532 -6.54 26.56 24.87
C GLU A 532 -7.22 26.52 26.24
N LYS A 533 -7.62 25.32 26.68
CA LYS A 533 -8.19 25.14 28.00
C LYS A 533 -8.11 23.67 28.37
N VAL A 534 -8.11 23.40 29.67
CA VAL A 534 -8.16 22.04 30.17
C VAL A 534 -9.35 21.95 31.10
N PHE A 535 -10.09 20.85 31.00
CA PHE A 535 -11.27 20.61 31.81
C PHE A 535 -11.17 19.22 32.43
N THR A 536 -11.01 19.15 33.74
CA THR A 536 -10.97 17.88 34.45
C THR A 536 -12.31 17.60 35.09
N LEU A 537 -12.88 16.43 34.82
CA LEU A 537 -14.16 16.04 35.39
C LEU A 537 -14.00 15.52 36.81
C13 R4Z B . 1.14 -6.77 0.05
C15 R4Z B . -0.92 -5.35 0.45
C02 R4Z B . -2.92 -3.73 0.81
C03 R4Z B . -3.17 -2.39 1.14
C04 R4Z B . -1.80 -1.81 1.47
C05 R4Z B . -1.55 -4.16 0.76
C06 R4Z B . -0.78 -3.02 1.12
C07 R4Z B . 0.60 -3.14 1.14
C08 R4Z B . 1.47 -1.93 1.54
C11 R4Z B . 1.23 -4.34 0.79
C12 R4Z B . 0.47 -5.47 0.43
C14 R4Z B . 1.69 -6.71 -1.40
O01 R4Z B . -3.82 -4.48 0.57
O09 R4Z B . 2.69 -1.98 1.26
O10 R4Z B . 0.99 -0.92 2.13
P PO4 C . 10.12 10.35 -11.29
O1 PO4 C . 10.80 10.30 -9.90
O2 PO4 C . 10.30 11.69 -11.95
O3 PO4 C . 8.66 10.09 -11.07
O4 PO4 C . 10.65 9.31 -12.21
P PO4 D . 4.23 4.08 18.70
O1 PO4 D . 4.41 3.21 19.91
O2 PO4 D . 5.45 4.97 18.54
O3 PO4 D . 4.08 3.19 17.48
O4 PO4 D . 3.00 4.94 18.87
#